data_2LZO
#
_entry.id   2LZO
#
_entity_poly.entity_id   1
_entity_poly.type   'polypeptide(L)'
_entity_poly.pdbx_seq_one_letter_code
;ISIDPPCRFCYHRDGSGNCVYDAYGCGAV
;
_entity_poly.pdbx_strand_id   A
#
# COMPACT_ATOMS: atom_id res chain seq x y z
N ILE A 1 -17.58 -10.87 6.71
CA ILE A 1 -16.22 -11.39 6.84
C ILE A 1 -15.22 -10.25 7.02
N SER A 2 -14.25 -10.46 7.89
CA SER A 2 -13.22 -9.46 8.17
C SER A 2 -12.24 -9.36 7.00
N ILE A 3 -11.81 -8.13 6.71
CA ILE A 3 -10.87 -7.91 5.62
C ILE A 3 -9.45 -7.78 6.15
N ASP A 4 -8.48 -8.21 5.33
CA ASP A 4 -7.07 -8.16 5.72
C ASP A 4 -6.61 -6.71 5.88
N PRO A 5 -5.54 -6.51 6.65
CA PRO A 5 -4.98 -5.18 6.89
C PRO A 5 -4.32 -4.58 5.65
N PRO A 6 -4.01 -3.28 5.70
CA PRO A 6 -3.38 -2.56 4.60
C PRO A 6 -1.94 -3.00 4.37
N CYS A 7 -1.32 -2.45 3.33
CA CYS A 7 0.06 -2.78 2.99
C CYS A 7 1.02 -2.21 4.04
N ARG A 8 2.31 -2.45 3.84
CA ARG A 8 3.33 -1.96 4.76
C ARG A 8 3.19 -0.45 4.97
N PHE A 9 4.02 0.09 5.86
CA PHE A 9 3.98 1.52 6.17
C PHE A 9 4.22 2.34 4.90
N CYS A 10 3.22 3.13 4.51
CA CYS A 10 3.32 3.95 3.32
C CYS A 10 3.46 3.09 2.06
N TYR A 11 2.88 1.91 2.10
CA TYR A 11 2.93 0.99 0.96
C TYR A 11 1.54 0.75 0.39
N HIS A 12 1.49 0.04 -0.73
CA HIS A 12 0.21 -0.26 -1.38
C HIS A 12 0.39 -1.39 -2.41
N ARG A 13 -0.68 -2.14 -2.63
CA ARG A 13 -0.66 -3.24 -3.59
C ARG A 13 -0.56 -2.72 -5.02
N ASP A 14 0.52 -3.09 -5.71
CA ASP A 14 0.73 -2.66 -7.09
C ASP A 14 0.01 -3.59 -8.06
N GLY A 15 0.26 -3.40 -9.35
CA GLY A 15 -0.37 -4.22 -10.36
C GLY A 15 0.09 -5.67 -10.31
N SER A 16 1.31 -5.88 -9.82
CA SER A 16 1.88 -7.22 -9.72
C SER A 16 1.24 -7.99 -8.57
N GLY A 17 0.73 -7.26 -7.59
CA GLY A 17 0.10 -7.89 -6.45
C GLY A 17 0.99 -7.88 -5.21
N ASN A 18 1.81 -6.85 -5.09
CA ASN A 18 2.72 -6.72 -3.96
C ASN A 18 2.69 -5.30 -3.39
N CYS A 19 3.08 -5.17 -2.12
CA CYS A 19 3.10 -3.87 -1.46
C CYS A 19 4.38 -3.11 -1.81
N VAL A 20 4.23 -1.84 -2.15
CA VAL A 20 5.36 -1.00 -2.51
C VAL A 20 5.18 0.42 -2.01
N TYR A 21 6.27 1.06 -1.61
CA TYR A 21 6.23 2.43 -1.09
C TYR A 21 5.51 3.35 -2.08
N ASP A 22 4.47 4.02 -1.61
CA ASP A 22 3.70 4.93 -2.45
C ASP A 22 4.53 6.16 -2.81
N ALA A 23 5.33 6.03 -3.86
CA ALA A 23 6.17 7.14 -4.31
C ALA A 23 5.33 8.30 -4.83
N TYR A 24 4.07 8.02 -5.11
CA TYR A 24 3.15 9.05 -5.62
C TYR A 24 2.51 9.82 -4.47
N GLY A 25 2.91 9.49 -3.24
CA GLY A 25 2.37 10.16 -2.08
C GLY A 25 1.70 9.21 -1.11
N CYS A 26 2.42 8.82 -0.07
CA CYS A 26 1.89 7.90 0.93
C CYS A 26 1.25 8.67 2.09
N GLY A 27 0.81 9.89 1.81
CA GLY A 27 0.19 10.71 2.84
C GLY A 27 1.14 11.74 3.41
N ALA A 28 2.35 11.78 2.88
CA ALA A 28 3.36 12.73 3.34
C ALA A 28 3.23 14.06 2.61
N VAL A 29 2.11 14.26 1.93
CA VAL A 29 1.87 15.49 1.19
C VAL A 29 0.88 16.39 1.92
N ILE A 1 -16.31 -8.92 8.39
CA ILE A 1 -14.92 -8.49 8.51
C ILE A 1 -13.97 -9.53 7.95
N SER A 2 -14.38 -10.17 6.85
CA SER A 2 -13.55 -11.20 6.22
C SER A 2 -12.68 -10.60 5.13
N ILE A 3 -11.74 -9.76 5.53
CA ILE A 3 -10.83 -9.11 4.59
C ILE A 3 -9.43 -8.96 5.19
N ASP A 4 -8.42 -9.03 4.34
CA ASP A 4 -7.04 -8.89 4.77
C ASP A 4 -6.69 -7.43 5.03
N PRO A 5 -5.67 -7.20 5.87
CA PRO A 5 -5.22 -5.85 6.22
C PRO A 5 -4.53 -5.15 5.04
N PRO A 6 -4.32 -3.84 5.18
CA PRO A 6 -3.66 -3.03 4.14
C PRO A 6 -2.19 -3.36 4.00
N CYS A 7 -1.54 -2.73 3.02
CA CYS A 7 -0.12 -2.96 2.77
C CYS A 7 0.73 -2.33 3.88
N ARG A 8 2.05 -2.46 3.75
CA ARG A 8 2.97 -1.91 4.73
C ARG A 8 2.71 -0.42 4.94
N PHE A 9 3.43 0.17 5.89
CA PHE A 9 3.28 1.59 6.19
C PHE A 9 3.54 2.44 4.95
N CYS A 10 2.50 3.15 4.49
CA CYS A 10 2.61 4.00 3.32
C CYS A 10 2.88 3.17 2.07
N TYR A 11 2.39 1.93 2.06
CA TYR A 11 2.59 1.04 0.94
C TYR A 11 1.26 0.69 0.28
N HIS A 12 1.32 -0.01 -0.85
CA HIS A 12 0.12 -0.40 -1.58
C HIS A 12 0.44 -1.49 -2.60
N ARG A 13 -0.55 -2.32 -2.90
CA ARG A 13 -0.38 -3.41 -3.86
C ARG A 13 -0.24 -2.86 -5.27
N ASP A 14 0.91 -3.13 -5.89
CA ASP A 14 1.17 -2.67 -7.24
C ASP A 14 0.61 -3.65 -8.28
N GLY A 15 0.86 -3.37 -9.55
CA GLY A 15 0.36 -4.22 -10.61
C GLY A 15 0.96 -5.62 -10.54
N SER A 16 2.16 -5.72 -9.96
CA SER A 16 2.83 -7.01 -9.84
C SER A 16 2.20 -7.86 -8.74
N GLY A 17 1.53 -7.21 -7.80
CA GLY A 17 0.88 -7.91 -6.71
C GLY A 17 1.69 -7.86 -5.43
N ASN A 18 2.42 -6.77 -5.23
CA ASN A 18 3.24 -6.60 -4.04
C ASN A 18 3.09 -5.19 -3.47
N CYS A 19 3.35 -5.06 -2.17
CA CYS A 19 3.24 -3.77 -1.49
C CYS A 19 4.48 -2.91 -1.76
N VAL A 20 4.24 -1.66 -2.13
CA VAL A 20 5.34 -0.74 -2.41
C VAL A 20 5.02 0.66 -1.91
N TYR A 21 6.04 1.37 -1.44
CA TYR A 21 5.87 2.72 -0.92
C TYR A 21 5.15 3.60 -1.94
N ASP A 22 4.03 4.19 -1.53
CA ASP A 22 3.26 5.06 -2.40
C ASP A 22 4.02 6.34 -2.70
N ALA A 23 4.88 6.29 -3.71
CA ALA A 23 5.67 7.45 -4.12
C ALA A 23 4.77 8.55 -4.67
N TYR A 24 3.54 8.19 -5.03
CA TYR A 24 2.60 9.15 -5.59
C TYR A 24 1.84 9.87 -4.47
N GLY A 25 2.20 9.55 -3.23
CA GLY A 25 1.54 10.18 -2.09
C GLY A 25 0.88 9.17 -1.17
N CYS A 26 1.56 8.82 -0.09
CA CYS A 26 1.03 7.86 0.87
C CYS A 26 0.27 8.56 1.99
N GLY A 27 -0.24 9.75 1.69
CA GLY A 27 -0.99 10.51 2.68
C GLY A 27 -0.09 11.35 3.57
N ALA A 28 1.22 11.30 3.30
CA ALA A 28 2.19 12.06 4.08
C ALA A 28 3.50 12.21 3.32
N VAL A 29 3.55 13.16 2.40
CA VAL A 29 4.75 13.41 1.62
C VAL A 29 5.69 14.38 2.33
N ILE A 1 -14.66 -13.39 8.72
CA ILE A 1 -15.26 -12.77 7.54
C ILE A 1 -14.80 -11.33 7.38
N SER A 2 -13.66 -11.00 8.00
CA SER A 2 -13.12 -9.65 7.92
C SER A 2 -12.09 -9.55 6.79
N ILE A 3 -11.80 -8.32 6.37
CA ILE A 3 -10.85 -8.09 5.30
C ILE A 3 -9.43 -7.93 5.86
N ASP A 4 -8.44 -8.33 5.07
CA ASP A 4 -7.05 -8.22 5.48
C ASP A 4 -6.63 -6.77 5.65
N PRO A 5 -5.57 -6.54 6.43
CA PRO A 5 -5.05 -5.20 6.69
C PRO A 5 -4.39 -4.58 5.46
N PRO A 6 -4.12 -3.27 5.52
CA PRO A 6 -3.49 -2.53 4.42
C PRO A 6 -2.03 -2.93 4.21
N CYS A 7 -1.41 -2.37 3.19
CA CYS A 7 -0.02 -2.66 2.89
C CYS A 7 0.90 -2.05 3.94
N ARG A 8 2.21 -2.25 3.77
CA ARG A 8 3.19 -1.72 4.70
C ARG A 8 3.01 -0.22 4.90
N PHE A 9 3.79 0.35 5.82
CA PHE A 9 3.71 1.78 6.10
C PHE A 9 3.95 2.60 4.83
N CYS A 10 2.94 3.34 4.42
CA CYS A 10 3.03 4.18 3.22
C CYS A 10 3.22 3.32 1.98
N TYR A 11 2.67 2.10 2.01
CA TYR A 11 2.78 1.19 0.89
C TYR A 11 1.41 0.90 0.28
N HIS A 12 1.40 0.17 -0.84
CA HIS A 12 0.15 -0.17 -1.51
C HIS A 12 0.38 -1.29 -2.52
N ARG A 13 -0.67 -2.08 -2.77
CA ARG A 13 -0.58 -3.19 -3.71
C ARG A 13 -0.47 -2.66 -5.15
N ASP A 14 0.64 -2.99 -5.80
CA ASP A 14 0.86 -2.56 -7.18
C ASP A 14 0.21 -3.53 -8.16
N GLY A 15 0.45 -3.31 -9.45
CA GLY A 15 -0.12 -4.16 -10.48
C GLY A 15 0.41 -5.58 -10.40
N SER A 16 1.62 -5.73 -9.88
CA SER A 16 2.24 -7.05 -9.76
C SER A 16 1.62 -7.84 -8.62
N GLY A 17 1.00 -7.13 -7.67
CA GLY A 17 0.38 -7.79 -6.54
C GLY A 17 1.24 -7.75 -5.30
N ASN A 18 2.02 -6.69 -5.14
CA ASN A 18 2.90 -6.54 -3.99
C ASN A 18 2.83 -5.12 -3.43
N CYS A 19 3.16 -4.98 -2.15
CA CYS A 19 3.13 -3.67 -1.50
C CYS A 19 4.39 -2.88 -1.82
N VAL A 20 4.20 -1.62 -2.20
CA VAL A 20 5.33 -0.75 -2.54
C VAL A 20 5.09 0.67 -2.04
N TYR A 21 6.16 1.33 -1.63
CA TYR A 21 6.07 2.70 -1.13
C TYR A 21 5.34 3.60 -2.13
N ASP A 22 4.27 4.24 -1.68
CA ASP A 22 3.49 5.13 -2.53
C ASP A 22 4.29 6.38 -2.89
N ALA A 23 5.11 6.27 -3.93
CA ALA A 23 5.93 7.39 -4.37
C ALA A 23 5.06 8.53 -4.92
N TYR A 24 3.81 8.21 -5.22
CA TYR A 24 2.89 9.21 -5.74
C TYR A 24 2.20 9.97 -4.61
N GLY A 25 2.59 9.65 -3.38
CA GLY A 25 2.01 10.32 -2.22
C GLY A 25 1.34 9.35 -1.27
N CYS A 26 2.05 8.98 -0.21
CA CYS A 26 1.52 8.06 0.79
C CYS A 26 0.83 8.81 1.93
N GLY A 27 0.37 10.02 1.63
CA GLY A 27 -0.30 10.82 2.64
C GLY A 27 0.66 11.65 3.45
N ALA A 28 1.94 11.58 3.11
CA ALA A 28 2.97 12.34 3.81
C ALA A 28 4.18 12.56 2.92
N VAL A 29 4.11 13.56 2.06
CA VAL A 29 5.21 13.89 1.15
C VAL A 29 6.08 15.01 1.72
N ILE A 1 -16.39 -12.63 6.10
CA ILE A 1 -16.80 -11.74 7.18
C ILE A 1 -15.60 -10.99 7.77
N SER A 2 -14.57 -10.80 6.94
CA SER A 2 -13.37 -10.10 7.38
C SER A 2 -12.47 -9.78 6.19
N ILE A 3 -11.54 -8.84 6.40
CA ILE A 3 -10.62 -8.45 5.35
C ILE A 3 -9.20 -8.28 5.90
N ASP A 4 -8.21 -8.55 5.06
CA ASP A 4 -6.81 -8.42 5.47
C ASP A 4 -6.43 -6.95 5.61
N PRO A 5 -5.37 -6.69 6.41
CA PRO A 5 -4.87 -5.33 6.65
C PRO A 5 -4.23 -4.71 5.42
N PRO A 6 -3.99 -3.40 5.47
CA PRO A 6 -3.36 -2.66 4.36
C PRO A 6 -1.90 -3.03 4.17
N CYS A 7 -1.28 -2.46 3.13
CA CYS A 7 0.12 -2.73 2.85
C CYS A 7 1.02 -2.14 3.92
N ARG A 8 2.33 -2.32 3.76
CA ARG A 8 3.30 -1.80 4.71
C ARG A 8 3.10 -0.30 4.93
N PHE A 9 3.86 0.26 5.85
CA PHE A 9 3.77 1.69 6.17
C PHE A 9 4.02 2.53 4.92
N CYS A 10 2.99 3.27 4.50
CA CYS A 10 3.10 4.13 3.33
C CYS A 10 3.31 3.29 2.07
N TYR A 11 2.76 2.08 2.07
CA TYR A 11 2.89 1.18 0.93
C TYR A 11 1.53 0.89 0.31
N HIS A 12 1.54 0.20 -0.82
CA HIS A 12 0.30 -0.14 -1.52
C HIS A 12 0.55 -1.24 -2.56
N ARG A 13 -0.48 -2.03 -2.84
CA ARG A 13 -0.38 -3.12 -3.80
C ARG A 13 -0.25 -2.57 -5.22
N ASP A 14 0.87 -2.86 -5.86
CA ASP A 14 1.12 -2.40 -7.23
C ASP A 14 0.50 -3.35 -8.25
N GLY A 15 0.72 -3.06 -9.52
CA GLY A 15 0.17 -3.91 -10.57
C GLY A 15 0.72 -5.32 -10.53
N SER A 16 1.92 -5.47 -9.98
CA SER A 16 2.56 -6.78 -9.89
C SER A 16 1.91 -7.62 -8.79
N GLY A 17 1.30 -6.94 -7.81
CA GLY A 17 0.65 -7.65 -6.72
C GLY A 17 1.49 -7.63 -5.45
N ASN A 18 2.27 -6.58 -5.27
CA ASN A 18 3.12 -6.45 -4.09
C ASN A 18 3.03 -5.04 -3.52
N CYS A 19 3.35 -4.92 -2.22
CA CYS A 19 3.30 -3.63 -1.54
C CYS A 19 4.56 -2.82 -1.84
N VAL A 20 4.37 -1.55 -2.19
CA VAL A 20 5.48 -0.67 -2.50
C VAL A 20 5.23 0.74 -1.98
N TYR A 21 6.29 1.41 -1.54
CA TYR A 21 6.18 2.77 -1.01
C TYR A 21 5.47 3.68 -2.00
N ASP A 22 4.39 4.30 -1.55
CA ASP A 22 3.62 5.21 -2.39
C ASP A 22 4.42 6.46 -2.72
N ALA A 23 5.24 6.38 -3.76
CA ALA A 23 6.06 7.51 -4.17
C ALA A 23 5.19 8.65 -4.70
N TYR A 24 3.95 8.34 -5.02
CA TYR A 24 3.02 9.34 -5.54
C TYR A 24 2.32 10.08 -4.40
N GLY A 25 2.70 9.74 -3.17
CA GLY A 25 2.10 10.39 -2.02
C GLY A 25 1.43 9.40 -1.09
N CYS A 26 2.13 9.01 -0.02
CA CYS A 26 1.59 8.06 0.95
C CYS A 26 0.90 8.79 2.09
N GLY A 27 0.42 10.00 1.81
CA GLY A 27 -0.27 10.78 2.83
C GLY A 27 0.57 11.93 3.34
N ALA A 28 1.76 12.10 2.77
CA ALA A 28 2.66 13.17 3.17
C ALA A 28 3.70 13.46 2.09
N VAL A 29 3.33 14.28 1.12
CA VAL A 29 4.24 14.62 0.02
C VAL A 29 5.08 15.84 0.38
N ILE A 1 -16.68 -12.85 8.36
CA ILE A 1 -16.27 -11.93 7.29
C ILE A 1 -15.41 -10.80 7.85
N SER A 2 -14.20 -10.67 7.31
CA SER A 2 -13.28 -9.63 7.75
C SER A 2 -12.28 -9.28 6.65
N ILE A 3 -11.93 -8.00 6.57
CA ILE A 3 -10.99 -7.54 5.56
C ILE A 3 -9.56 -7.53 6.09
N ASP A 4 -8.60 -7.78 5.21
CA ASP A 4 -7.19 -7.79 5.59
C ASP A 4 -6.67 -6.38 5.79
N PRO A 5 -5.58 -6.25 6.57
CA PRO A 5 -4.96 -4.96 6.86
C PRO A 5 -4.27 -4.37 5.63
N PRO A 6 -3.89 -3.09 5.73
CA PRO A 6 -3.22 -2.38 4.64
C PRO A 6 -1.79 -2.87 4.41
N CYS A 7 -1.14 -2.35 3.39
CA CYS A 7 0.22 -2.74 3.06
C CYS A 7 1.21 -2.18 4.08
N ARG A 8 2.49 -2.47 3.88
CA ARG A 8 3.53 -2.00 4.78
C ARG A 8 3.45 -0.48 4.94
N PHE A 9 4.30 0.06 5.82
CA PHE A 9 4.33 1.49 6.08
C PHE A 9 4.59 2.27 4.79
N CYS A 10 3.62 3.07 4.39
CA CYS A 10 3.74 3.87 3.17
C CYS A 10 3.84 2.97 1.94
N TYR A 11 3.21 1.80 2.02
CA TYR A 11 3.23 0.86 0.90
C TYR A 11 1.83 0.65 0.34
N HIS A 12 1.73 -0.09 -0.75
CA HIS A 12 0.45 -0.36 -1.39
C HIS A 12 0.57 -1.51 -2.39
N ARG A 13 -0.53 -2.23 -2.59
CA ARG A 13 -0.55 -3.35 -3.52
C ARG A 13 -0.44 -2.89 -4.96
N ASP A 14 0.63 -3.31 -5.63
CA ASP A 14 0.85 -2.93 -7.02
C ASP A 14 0.10 -3.86 -7.97
N GLY A 15 0.35 -3.70 -9.27
CA GLY A 15 -0.31 -4.53 -10.26
C GLY A 15 0.09 -5.99 -10.16
N SER A 16 1.30 -6.23 -9.66
CA SER A 16 1.81 -7.59 -9.52
C SER A 16 1.15 -8.30 -8.34
N GLY A 17 0.64 -7.52 -7.40
CA GLY A 17 -0.01 -8.08 -6.24
C GLY A 17 0.89 -8.08 -5.02
N ASN A 18 1.75 -7.07 -4.92
CA ASN A 18 2.67 -6.97 -3.79
C ASN A 18 2.71 -5.53 -3.26
N CYS A 19 3.09 -5.38 -2.00
CA CYS A 19 3.17 -4.07 -1.37
C CYS A 19 4.47 -3.38 -1.74
N VAL A 20 4.38 -2.11 -2.15
CA VAL A 20 5.54 -1.33 -2.53
C VAL A 20 5.41 0.12 -2.06
N TYR A 21 6.54 0.71 -1.69
CA TYR A 21 6.56 2.10 -1.22
C TYR A 21 5.88 3.02 -2.23
N ASP A 22 4.86 3.73 -1.76
CA ASP A 22 4.13 4.66 -2.63
C ASP A 22 5.01 5.84 -3.02
N ALA A 23 5.79 5.65 -4.07
CA ALA A 23 6.68 6.71 -4.57
C ALA A 23 5.88 7.89 -5.11
N TYR A 24 4.60 7.66 -5.38
CA TYR A 24 3.73 8.70 -5.91
C TYR A 24 3.13 9.54 -4.78
N GLY A 25 3.53 9.22 -3.55
CA GLY A 25 3.02 9.95 -2.41
C GLY A 25 2.32 9.05 -1.40
N CYS A 26 3.02 8.67 -0.36
CA CYS A 26 2.46 7.80 0.67
C CYS A 26 1.86 8.62 1.82
N GLY A 27 1.46 9.85 1.50
CA GLY A 27 0.88 10.72 2.51
C GLY A 27 1.67 12.00 2.70
N ALA A 28 1.15 13.10 2.18
CA ALA A 28 1.82 14.39 2.30
C ALA A 28 0.90 15.53 1.87
N VAL A 29 0.10 16.02 2.81
CA VAL A 29 -0.83 17.11 2.53
C VAL A 29 -0.19 18.47 2.80
N ILE A 1 -17.65 -11.88 5.94
CA ILE A 1 -16.22 -12.05 5.74
C ILE A 1 -15.46 -10.77 6.08
N SER A 2 -14.40 -10.90 6.86
CA SER A 2 -13.60 -9.75 7.26
C SER A 2 -12.65 -9.34 6.14
N ILE A 3 -12.08 -8.14 6.25
CA ILE A 3 -11.16 -7.63 5.25
C ILE A 3 -9.73 -7.69 5.76
N ASP A 4 -8.79 -7.89 4.84
CA ASP A 4 -7.37 -7.95 5.19
C ASP A 4 -6.83 -6.58 5.55
N PRO A 5 -5.75 -6.55 6.33
CA PRO A 5 -5.11 -5.31 6.77
C PRO A 5 -4.42 -4.58 5.62
N PRO A 6 -4.02 -3.32 5.87
CA PRO A 6 -3.35 -2.49 4.87
C PRO A 6 -1.93 -2.97 4.59
N CYS A 7 -1.26 -2.33 3.63
CA CYS A 7 0.09 -2.69 3.26
C CYS A 7 1.10 -2.14 4.27
N ARG A 8 2.38 -2.41 4.03
CA ARG A 8 3.44 -1.95 4.92
C ARG A 8 3.33 -0.44 5.13
N PHE A 9 4.20 0.09 6.00
CA PHE A 9 4.20 1.52 6.29
C PHE A 9 4.43 2.33 5.01
N CYS A 10 3.43 3.14 4.65
CA CYS A 10 3.51 3.97 3.46
C CYS A 10 3.60 3.10 2.20
N TYR A 11 2.98 1.93 2.27
CA TYR A 11 2.98 1.00 1.13
C TYR A 11 1.57 0.79 0.60
N HIS A 12 1.47 0.08 -0.51
CA HIS A 12 0.17 -0.19 -1.13
C HIS A 12 0.28 -1.32 -2.16
N ARG A 13 -0.81 -2.05 -2.35
CA ARG A 13 -0.83 -3.16 -3.30
C ARG A 13 -0.78 -2.64 -4.73
N ASP A 14 0.26 -3.04 -5.46
CA ASP A 14 0.45 -2.62 -6.84
C ASP A 14 -0.33 -3.53 -7.78
N GLY A 15 -0.13 -3.33 -9.09
CA GLY A 15 -0.81 -4.14 -10.08
C GLY A 15 -0.37 -5.59 -10.03
N SER A 16 0.85 -5.83 -9.59
CA SER A 16 1.39 -7.18 -9.49
C SER A 16 0.78 -7.94 -8.32
N GLY A 17 0.31 -7.20 -7.33
CA GLY A 17 -0.29 -7.81 -6.16
C GLY A 17 0.65 -7.82 -4.96
N ASN A 18 1.50 -6.81 -4.87
CA ASN A 18 2.44 -6.71 -3.76
C ASN A 18 2.47 -5.28 -3.20
N CYS A 19 2.89 -5.16 -1.95
CA CYS A 19 2.96 -3.87 -1.29
C CYS A 19 4.25 -3.13 -1.68
N VAL A 20 4.12 -1.86 -2.03
CA VAL A 20 5.26 -1.04 -2.42
C VAL A 20 5.12 0.38 -1.90
N TYR A 21 6.24 0.99 -1.54
CA TYR A 21 6.25 2.35 -1.04
C TYR A 21 5.52 3.30 -2.00
N ASP A 22 4.52 3.99 -1.50
CA ASP A 22 3.74 4.92 -2.31
C ASP A 22 4.59 6.13 -2.70
N ALA A 23 5.35 5.98 -3.78
CA ALA A 23 6.21 7.06 -4.26
C ALA A 23 5.38 8.24 -4.76
N TYR A 24 4.10 7.99 -4.99
CA TYR A 24 3.20 9.04 -5.48
C TYR A 24 2.61 9.83 -4.32
N GLY A 25 3.04 9.49 -3.10
CA GLY A 25 2.56 10.18 -1.92
C GLY A 25 1.88 9.25 -0.94
N CYS A 26 2.63 8.85 0.09
CA CYS A 26 2.10 7.95 1.11
C CYS A 26 1.52 8.72 2.28
N GLY A 27 1.09 9.96 2.01
CA GLY A 27 0.52 10.78 3.05
C GLY A 27 1.35 12.02 3.33
N ALA A 28 2.44 12.19 2.59
CA ALA A 28 3.32 13.34 2.76
C ALA A 28 2.83 14.52 1.93
N VAL A 29 1.59 14.45 1.46
CA VAL A 29 1.02 15.52 0.67
C VAL A 29 -0.08 16.25 1.43
N ILE A 1 -17.74 -9.63 7.70
CA ILE A 1 -16.43 -10.08 7.25
C ILE A 1 -15.37 -9.03 7.52
N SER A 2 -14.24 -9.45 8.08
CA SER A 2 -13.15 -8.54 8.38
C SER A 2 -12.19 -8.43 7.20
N ILE A 3 -11.60 -7.25 7.04
CA ILE A 3 -10.66 -7.00 5.94
C ILE A 3 -9.23 -6.90 6.46
N ASP A 4 -8.29 -7.31 5.63
CA ASP A 4 -6.87 -7.26 6.00
C ASP A 4 -6.38 -5.81 6.06
N PRO A 5 -5.29 -5.59 6.81
CA PRO A 5 -4.70 -4.26 6.98
C PRO A 5 -4.05 -3.76 5.70
N PRO A 6 -3.71 -2.46 5.68
CA PRO A 6 -3.06 -1.83 4.53
C PRO A 6 -1.63 -2.31 4.33
N CYS A 7 -1.00 -1.83 3.25
CA CYS A 7 0.37 -2.22 2.94
C CYS A 7 1.34 -1.62 3.95
N ARG A 8 2.63 -1.89 3.78
CA ARG A 8 3.66 -1.38 4.67
C ARG A 8 3.55 0.13 4.81
N PHE A 9 4.38 0.70 5.68
CA PHE A 9 4.38 2.14 5.91
C PHE A 9 4.65 2.89 4.61
N CYS A 10 3.66 3.68 4.17
CA CYS A 10 3.78 4.45 2.94
C CYS A 10 3.90 3.53 1.74
N TYR A 11 3.30 2.36 1.83
CA TYR A 11 3.34 1.38 0.74
C TYR A 11 1.95 1.14 0.17
N HIS A 12 1.88 0.38 -0.92
CA HIS A 12 0.61 0.08 -1.56
C HIS A 12 0.76 -1.10 -2.53
N ARG A 13 -0.32 -1.84 -2.73
CA ARG A 13 -0.31 -2.98 -3.64
C ARG A 13 -0.21 -2.53 -5.08
N ASP A 14 0.84 -2.96 -5.77
CA ASP A 14 1.04 -2.60 -7.17
C ASP A 14 0.28 -3.55 -8.09
N GLY A 15 0.52 -3.41 -9.39
CA GLY A 15 -0.15 -4.26 -10.36
C GLY A 15 0.26 -5.72 -10.24
N SER A 16 1.47 -5.95 -9.73
CA SER A 16 1.98 -7.30 -9.56
C SER A 16 1.34 -7.99 -8.36
N GLY A 17 0.89 -7.18 -7.40
CA GLY A 17 0.26 -7.73 -6.21
C GLY A 17 1.18 -7.68 -5.00
N ASN A 18 2.02 -6.66 -4.94
CA ASN A 18 2.95 -6.52 -3.83
C ASN A 18 2.98 -5.08 -3.33
N CYS A 19 3.33 -4.90 -2.06
CA CYS A 19 3.38 -3.58 -1.45
C CYS A 19 4.68 -2.87 -1.83
N VAL A 20 4.56 -1.61 -2.26
CA VAL A 20 5.72 -0.82 -2.65
C VAL A 20 5.56 0.64 -2.21
N TYR A 21 6.68 1.25 -1.83
CA TYR A 21 6.67 2.65 -1.39
C TYR A 21 5.97 3.54 -2.41
N ASP A 22 4.95 4.26 -1.97
CA ASP A 22 4.21 5.14 -2.85
C ASP A 22 5.06 6.33 -3.26
N ALA A 23 5.85 6.14 -4.31
CA ALA A 23 6.72 7.20 -4.81
C ALA A 23 5.91 8.35 -5.38
N TYR A 24 4.64 8.10 -5.66
CA TYR A 24 3.76 9.12 -6.22
C TYR A 24 3.13 9.96 -5.11
N GLY A 25 3.52 9.68 -3.87
CA GLY A 25 2.99 10.42 -2.74
C GLY A 25 2.29 9.52 -1.73
N CYS A 26 3.01 9.17 -0.66
CA CYS A 26 2.45 8.31 0.37
C CYS A 26 1.82 9.14 1.49
N GLY A 27 1.41 10.37 1.15
CA GLY A 27 0.80 11.24 2.13
C GLY A 27 -0.71 11.08 2.19
N ALA A 28 -1.24 10.16 1.39
CA ALA A 28 -2.66 9.91 1.36
C ALA A 28 -3.07 8.89 2.42
N VAL A 29 -2.17 8.65 3.37
CA VAL A 29 -2.44 7.69 4.43
C VAL A 29 -3.14 8.36 5.62
N ILE A 1 -15.89 -12.99 6.87
CA ILE A 1 -16.07 -11.65 6.30
C ILE A 1 -14.99 -10.70 6.77
N SER A 2 -13.84 -11.24 7.15
CA SER A 2 -12.72 -10.44 7.64
C SER A 2 -11.77 -10.10 6.49
N ILE A 3 -11.44 -8.81 6.37
CA ILE A 3 -10.54 -8.35 5.33
C ILE A 3 -9.11 -8.26 5.85
N ASP A 4 -8.15 -8.48 4.95
CA ASP A 4 -6.74 -8.42 5.31
C ASP A 4 -6.31 -6.98 5.60
N PRO A 5 -5.24 -6.82 6.39
CA PRO A 5 -4.71 -5.50 6.75
C PRO A 5 -4.06 -4.79 5.56
N PRO A 6 -3.79 -3.49 5.74
CA PRO A 6 -3.16 -2.68 4.69
C PRO A 6 -1.71 -3.06 4.45
N CYS A 7 -1.09 -2.43 3.46
CA CYS A 7 0.30 -2.70 3.12
C CYS A 7 1.24 -2.06 4.15
N ARG A 8 2.55 -2.25 3.94
CA ARG A 8 3.55 -1.69 4.84
C ARG A 8 3.34 -0.19 5.02
N PHE A 9 4.14 0.42 5.89
CA PHE A 9 4.05 1.84 6.15
C PHE A 9 4.25 2.64 4.88
N CYS A 10 3.21 3.37 4.47
CA CYS A 10 3.26 4.19 3.27
C CYS A 10 3.42 3.31 2.03
N TYR A 11 2.89 2.09 2.10
CA TYR A 11 2.98 1.15 0.99
C TYR A 11 1.60 0.84 0.43
N HIS A 12 1.56 0.10 -0.68
CA HIS A 12 0.30 -0.27 -1.31
C HIS A 12 0.52 -1.41 -2.31
N ARG A 13 -0.52 -2.21 -2.52
CA ARG A 13 -0.45 -3.34 -3.43
C ARG A 13 -0.39 -2.85 -4.88
N ASP A 14 0.69 -3.18 -5.58
CA ASP A 14 0.87 -2.77 -6.97
C ASP A 14 0.19 -3.75 -7.91
N GLY A 15 0.41 -3.58 -9.21
CA GLY A 15 -0.20 -4.45 -10.19
C GLY A 15 0.35 -5.87 -10.11
N SER A 16 1.57 -6.01 -9.64
CA SER A 16 2.20 -7.32 -9.52
C SER A 16 1.62 -8.10 -8.34
N GLY A 17 1.08 -7.37 -7.37
CA GLY A 17 0.49 -8.01 -6.21
C GLY A 17 1.40 -7.93 -4.99
N ASN A 18 2.16 -6.85 -4.89
CA ASN A 18 3.08 -6.66 -3.77
C ASN A 18 2.99 -5.23 -3.23
N CYS A 19 3.38 -5.05 -1.97
CA CYS A 19 3.35 -3.75 -1.35
C CYS A 19 4.59 -2.93 -1.72
N VAL A 20 4.38 -1.68 -2.09
CA VAL A 20 5.48 -0.80 -2.47
C VAL A 20 5.22 0.63 -1.99
N TYR A 21 6.30 1.32 -1.61
CA TYR A 21 6.19 2.69 -1.14
C TYR A 21 5.43 3.56 -2.14
N ASP A 22 4.37 4.19 -1.66
CA ASP A 22 3.55 5.05 -2.51
C ASP A 22 4.32 6.30 -2.91
N ALA A 23 5.11 6.19 -3.97
CA ALA A 23 5.90 7.32 -4.45
C ALA A 23 5.01 8.43 -4.99
N TYR A 24 3.75 8.09 -5.25
CA TYR A 24 2.80 9.07 -5.77
C TYR A 24 2.14 9.84 -4.64
N GLY A 25 2.56 9.55 -3.41
CA GLY A 25 2.00 10.22 -2.26
C GLY A 25 1.38 9.26 -1.27
N CYS A 26 2.12 8.94 -0.22
CA CYS A 26 1.63 8.01 0.81
C CYS A 26 0.97 8.77 1.95
N GLY A 27 0.47 9.97 1.65
CA GLY A 27 -0.18 10.78 2.67
C GLY A 27 0.80 11.71 3.38
N ALA A 28 2.05 11.68 2.96
CA ALA A 28 3.07 12.52 3.56
C ALA A 28 3.12 13.90 2.89
N VAL A 29 2.08 14.21 2.13
CA VAL A 29 2.00 15.50 1.43
C VAL A 29 1.23 16.52 2.27
N ILE A 1 -15.67 -13.28 6.27
CA ILE A 1 -16.32 -12.16 6.96
C ILE A 1 -15.29 -11.22 7.55
N SER A 2 -14.25 -10.92 6.77
CA SER A 2 -13.19 -10.02 7.22
C SER A 2 -12.20 -9.74 6.10
N ILE A 3 -11.74 -8.51 6.01
CA ILE A 3 -10.78 -8.11 4.98
C ILE A 3 -9.37 -8.04 5.55
N ASP A 4 -8.39 -8.34 4.71
CA ASP A 4 -6.99 -8.30 5.12
C ASP A 4 -6.54 -6.88 5.40
N PRO A 5 -5.48 -6.73 6.20
CA PRO A 5 -4.93 -5.43 6.56
C PRO A 5 -4.25 -4.73 5.39
N PRO A 6 -3.95 -3.44 5.56
CA PRO A 6 -3.29 -2.63 4.51
C PRO A 6 -1.85 -3.05 4.28
N CYS A 7 -1.22 -2.42 3.30
CA CYS A 7 0.18 -2.73 2.97
C CYS A 7 1.12 -2.11 4.01
N ARG A 8 2.41 -2.32 3.81
CA ARG A 8 3.42 -1.79 4.73
C ARG A 8 3.24 -0.29 4.91
N PHE A 9 4.05 0.30 5.80
CA PHE A 9 3.98 1.73 6.08
C PHE A 9 4.20 2.53 4.80
N CYS A 10 3.17 3.28 4.40
CA CYS A 10 3.25 4.11 3.20
C CYS A 10 3.41 3.24 1.95
N TYR A 11 2.86 2.02 2.01
CA TYR A 11 2.94 1.09 0.89
C TYR A 11 1.55 0.80 0.32
N HIS A 12 1.52 0.08 -0.79
CA HIS A 12 0.26 -0.27 -1.44
C HIS A 12 0.47 -1.41 -2.45
N ARG A 13 -0.59 -2.18 -2.66
CA ARG A 13 -0.53 -3.30 -3.60
C ARG A 13 -0.44 -2.80 -5.03
N ASP A 14 0.65 -3.15 -5.72
CA ASP A 14 0.85 -2.74 -7.10
C ASP A 14 0.15 -3.70 -8.06
N GLY A 15 0.38 -3.50 -9.36
CA GLY A 15 -0.24 -4.35 -10.36
C GLY A 15 0.27 -5.78 -10.29
N SER A 16 1.50 -5.95 -9.79
CA SER A 16 2.10 -7.27 -9.68
C SER A 16 1.49 -8.05 -8.51
N GLY A 17 0.96 -7.32 -7.54
CA GLY A 17 0.35 -7.95 -6.39
C GLY A 17 1.25 -7.91 -5.16
N ASN A 18 2.04 -6.84 -5.05
CA ASN A 18 2.94 -6.69 -3.92
C ASN A 18 2.88 -5.26 -3.38
N CYS A 19 3.25 -5.10 -2.11
CA CYS A 19 3.25 -3.79 -1.46
C CYS A 19 4.50 -3.00 -1.82
N VAL A 20 4.31 -1.74 -2.19
CA VAL A 20 5.43 -0.88 -2.56
C VAL A 20 5.20 0.55 -2.07
N TYR A 21 6.28 1.22 -1.69
CA TYR A 21 6.20 2.59 -1.20
C TYR A 21 5.46 3.48 -2.19
N ASP A 22 4.40 4.12 -1.73
CA ASP A 22 3.61 5.00 -2.58
C ASP A 22 4.40 6.25 -2.96
N ALA A 23 5.20 6.13 -4.01
CA ALA A 23 6.02 7.25 -4.48
C ALA A 23 5.14 8.38 -5.02
N TYR A 24 3.88 8.07 -5.29
CA TYR A 24 2.94 9.06 -5.81
C TYR A 24 2.28 9.83 -4.67
N GLY A 25 2.70 9.53 -3.45
CA GLY A 25 2.14 10.21 -2.29
C GLY A 25 1.48 9.25 -1.31
N CYS A 26 2.21 8.90 -0.26
CA CYS A 26 1.70 7.97 0.76
C CYS A 26 1.05 8.74 1.90
N GLY A 27 0.58 9.94 1.60
CA GLY A 27 -0.07 10.76 2.61
C GLY A 27 0.92 11.49 3.49
N ALA A 28 2.21 11.33 3.19
CA ALA A 28 3.26 11.99 3.95
C ALA A 28 3.51 13.40 3.43
N VAL A 29 2.68 13.84 2.49
CA VAL A 29 2.81 15.17 1.92
C VAL A 29 1.61 16.04 2.27
N ILE A 1 -16.88 -12.16 8.64
CA ILE A 1 -16.17 -11.60 7.51
C ILE A 1 -15.28 -10.44 7.93
N SER A 2 -14.05 -10.41 7.41
CA SER A 2 -13.09 -9.37 7.75
C SER A 2 -12.07 -9.19 6.64
N ILE A 3 -11.80 -7.94 6.27
CA ILE A 3 -10.84 -7.64 5.22
C ILE A 3 -9.42 -7.59 5.77
N ASP A 4 -8.47 -8.02 4.96
CA ASP A 4 -7.06 -8.02 5.38
C ASP A 4 -6.56 -6.60 5.58
N PRO A 5 -5.48 -6.46 6.37
CA PRO A 5 -4.88 -5.16 6.67
C PRO A 5 -4.19 -4.55 5.46
N PRO A 6 -3.83 -3.26 5.57
CA PRO A 6 -3.16 -2.53 4.49
C PRO A 6 -1.73 -3.01 4.27
N CYS A 7 -1.07 -2.46 3.26
CA CYS A 7 0.31 -2.82 2.95
C CYS A 7 1.27 -2.26 3.99
N ARG A 8 2.55 -2.54 3.80
CA ARG A 8 3.58 -2.07 4.72
C ARG A 8 3.48 -0.55 4.91
N PHE A 9 4.30 -0.01 5.81
CA PHE A 9 4.30 1.41 6.09
C PHE A 9 4.57 2.22 4.82
N CYS A 10 3.59 3.01 4.41
CA CYS A 10 3.72 3.83 3.21
C CYS A 10 3.84 2.96 1.96
N TYR A 11 3.23 1.78 2.02
CA TYR A 11 3.29 0.85 0.89
C TYR A 11 1.89 0.62 0.31
N HIS A 12 1.83 -0.09 -0.81
CA HIS A 12 0.56 -0.38 -1.47
C HIS A 12 0.72 -1.51 -2.48
N ARG A 13 -0.36 -2.24 -2.72
CA ARG A 13 -0.35 -3.35 -3.66
C ARG A 13 -0.23 -2.85 -5.10
N ASP A 14 0.86 -3.24 -5.76
CA ASP A 14 1.09 -2.82 -7.14
C ASP A 14 0.38 -3.76 -8.11
N GLY A 15 0.62 -3.54 -9.40
CA GLY A 15 -0.01 -4.38 -10.42
C GLY A 15 0.45 -5.81 -10.35
N SER A 16 1.65 -6.03 -9.83
CA SER A 16 2.21 -7.37 -9.71
C SER A 16 1.55 -8.13 -8.57
N GLY A 17 1.00 -7.40 -7.61
CA GLY A 17 0.34 -8.02 -6.48
C GLY A 17 1.21 -8.03 -5.24
N ASN A 18 2.05 -7.00 -5.10
CA ASN A 18 2.93 -6.90 -3.94
C ASN A 18 2.94 -5.47 -3.39
N CYS A 19 3.29 -5.34 -2.12
CA CYS A 19 3.33 -4.03 -1.47
C CYS A 19 4.63 -3.31 -1.81
N VAL A 20 4.51 -2.04 -2.21
CA VAL A 20 5.67 -1.24 -2.55
C VAL A 20 5.52 0.20 -2.06
N TYR A 21 6.62 0.81 -1.67
CA TYR A 21 6.61 2.18 -1.18
C TYR A 21 5.93 3.11 -2.17
N ASP A 22 4.89 3.81 -1.70
CA ASP A 22 4.16 4.73 -2.55
C ASP A 22 5.02 5.94 -2.92
N ALA A 23 5.81 5.78 -3.98
CA ALA A 23 6.69 6.86 -4.44
C ALA A 23 5.88 8.03 -4.97
N TYR A 24 4.61 7.79 -5.26
CA TYR A 24 3.72 8.82 -5.78
C TYR A 24 3.10 9.63 -4.64
N GLY A 25 3.48 9.30 -3.42
CA GLY A 25 2.95 10.00 -2.26
C GLY A 25 2.25 9.07 -1.29
N CYS A 26 2.95 8.67 -0.23
CA CYS A 26 2.38 7.79 0.77
C CYS A 26 1.75 8.57 1.92
N GLY A 27 1.35 9.81 1.62
CA GLY A 27 0.73 10.65 2.63
C GLY A 27 1.42 11.98 2.77
N ALA A 28 0.79 13.03 2.25
CA ALA A 28 1.35 14.38 2.32
C ALA A 28 0.32 15.43 1.91
N VAL A 29 -0.60 15.73 2.82
CA VAL A 29 -1.64 16.71 2.56
C VAL A 29 -1.49 17.93 3.47
N ILE A 1 -16.45 -8.80 6.83
CA ILE A 1 -15.35 -8.25 7.63
C ILE A 1 -14.14 -9.17 7.59
N SER A 2 -14.15 -10.13 6.68
CA SER A 2 -13.06 -11.08 6.54
C SER A 2 -12.07 -10.61 5.46
N ILE A 3 -11.76 -9.32 5.48
CA ILE A 3 -10.84 -8.75 4.51
C ILE A 3 -9.42 -8.69 5.07
N ASP A 4 -8.44 -8.81 4.18
CA ASP A 4 -7.04 -8.77 4.59
C ASP A 4 -6.62 -7.34 4.94
N PRO A 5 -5.57 -7.22 5.76
CA PRO A 5 -5.04 -5.93 6.19
C PRO A 5 -4.36 -5.18 5.05
N PRO A 6 -4.07 -3.88 5.27
CA PRO A 6 -3.41 -3.04 4.29
C PRO A 6 -1.94 -3.42 4.07
N CYS A 7 -1.29 -2.75 3.12
CA CYS A 7 0.11 -3.03 2.82
C CYS A 7 1.03 -2.44 3.89
N ARG A 8 2.32 -2.62 3.71
CA ARG A 8 3.31 -2.12 4.66
C ARG A 8 3.11 -0.62 4.90
N PHE A 9 3.88 -0.07 5.83
CA PHE A 9 3.79 1.35 6.16
C PHE A 9 4.02 2.21 4.91
N CYS A 10 3.00 2.96 4.52
CA CYS A 10 3.10 3.82 3.35
C CYS A 10 3.29 3.00 2.08
N TYR A 11 2.76 1.78 2.08
CA TYR A 11 2.87 0.90 0.93
C TYR A 11 1.50 0.61 0.31
N HIS A 12 1.50 -0.07 -0.83
CA HIS A 12 0.26 -0.41 -1.52
C HIS A 12 0.50 -1.50 -2.56
N ARG A 13 -0.54 -2.29 -2.82
CA ARG A 13 -0.44 -3.37 -3.80
C ARG A 13 -0.33 -2.81 -5.21
N ASP A 14 0.77 -3.12 -5.89
CA ASP A 14 0.98 -2.65 -7.25
C ASP A 14 0.32 -3.58 -8.26
N GLY A 15 0.57 -3.34 -9.54
CA GLY A 15 0.00 -4.17 -10.59
C GLY A 15 0.52 -5.59 -10.56
N SER A 16 1.73 -5.77 -10.05
CA SER A 16 2.34 -7.08 -9.96
C SER A 16 1.72 -7.91 -8.84
N GLY A 17 1.16 -7.22 -7.86
CA GLY A 17 0.53 -7.89 -6.73
C GLY A 17 1.40 -7.88 -5.49
N ASN A 18 2.19 -6.82 -5.33
CA ASN A 18 3.06 -6.69 -4.17
C ASN A 18 2.98 -5.28 -3.59
N CYS A 19 3.31 -5.17 -2.29
CA CYS A 19 3.26 -3.89 -1.61
C CYS A 19 4.52 -3.07 -1.91
N VAL A 20 4.32 -1.80 -2.25
CA VAL A 20 5.43 -0.91 -2.55
C VAL A 20 5.18 0.49 -2.02
N TYR A 21 6.24 1.15 -1.58
CA TYR A 21 6.14 2.51 -1.04
C TYR A 21 5.41 3.42 -2.01
N ASP A 22 4.33 4.04 -1.54
CA ASP A 22 3.55 4.95 -2.37
C ASP A 22 4.33 6.22 -2.69
N ALA A 23 5.16 6.14 -3.73
CA ALA A 23 5.96 7.28 -4.15
C ALA A 23 5.10 8.42 -4.65
N TYR A 24 3.84 8.12 -4.97
CA TYR A 24 2.91 9.11 -5.46
C TYR A 24 2.22 9.84 -4.31
N GLY A 25 2.61 9.49 -3.09
CA GLY A 25 2.02 10.12 -1.92
C GLY A 25 1.36 9.12 -1.00
N CYS A 26 2.07 8.73 0.06
CA CYS A 26 1.55 7.77 1.03
C CYS A 26 0.86 8.48 2.18
N GLY A 27 0.37 9.70 1.92
CA GLY A 27 -0.30 10.46 2.95
C GLY A 27 0.63 11.43 3.66
N ALA A 28 1.88 11.47 3.23
CA ALA A 28 2.87 12.37 3.82
C ALA A 28 2.81 13.75 3.18
N VAL A 29 1.82 13.96 2.32
CA VAL A 29 1.65 15.24 1.65
C VAL A 29 0.74 16.17 2.45
N ILE A 1 -16.26 -13.44 8.71
CA ILE A 1 -15.52 -12.91 7.56
C ILE A 1 -15.08 -11.47 7.81
N SER A 2 -13.94 -11.11 7.24
CA SER A 2 -13.39 -9.76 7.40
C SER A 2 -12.41 -9.44 6.29
N ILE A 3 -12.10 -8.15 6.14
CA ILE A 3 -11.17 -7.71 5.11
C ILE A 3 -9.73 -7.69 5.64
N ASP A 4 -8.78 -7.96 4.75
CA ASP A 4 -7.37 -7.97 5.13
C ASP A 4 -6.88 -6.56 5.42
N PRO A 5 -5.81 -6.47 6.22
CA PRO A 5 -5.20 -5.18 6.60
C PRO A 5 -4.51 -4.51 5.42
N PRO A 6 -4.15 -3.22 5.61
CA PRO A 6 -3.47 -2.44 4.57
C PRO A 6 -2.04 -2.90 4.34
N CYS A 7 -1.38 -2.29 3.36
CA CYS A 7 0.00 -2.65 3.04
C CYS A 7 0.97 -2.07 4.08
N ARG A 8 2.26 -2.33 3.89
CA ARG A 8 3.28 -1.84 4.80
C ARG A 8 3.15 -0.33 5.00
N PHE A 9 3.96 0.21 5.91
CA PHE A 9 3.93 1.64 6.20
C PHE A 9 4.19 2.45 4.94
N CYS A 10 3.19 3.22 4.52
CA CYS A 10 3.31 4.05 3.32
C CYS A 10 3.47 3.18 2.07
N TYR A 11 2.88 1.99 2.12
CA TYR A 11 2.95 1.06 1.00
C TYR A 11 1.58 0.82 0.40
N HIS A 12 1.54 0.11 -0.73
CA HIS A 12 0.28 -0.21 -1.39
C HIS A 12 0.48 -1.31 -2.44
N ARG A 13 -0.58 -2.07 -2.69
CA ARG A 13 -0.52 -3.15 -3.67
C ARG A 13 -0.45 -2.59 -5.09
N ASP A 14 0.62 -2.95 -5.81
CA ASP A 14 0.80 -2.50 -7.18
C ASP A 14 0.05 -3.40 -8.16
N GLY A 15 0.18 -3.09 -9.44
CA GLY A 15 -0.49 -3.88 -10.47
C GLY A 15 -0.11 -5.34 -10.42
N SER A 16 1.04 -5.63 -9.81
CA SER A 16 1.52 -7.00 -9.69
C SER A 16 0.91 -7.69 -8.48
N GLY A 17 0.54 -6.90 -7.48
CA GLY A 17 -0.06 -7.44 -6.27
C GLY A 17 0.93 -7.51 -5.12
N ASN A 18 1.80 -6.52 -5.04
CA ASN A 18 2.80 -6.45 -3.98
C ASN A 18 2.87 -5.06 -3.38
N CYS A 19 2.93 -5.00 -2.05
CA CYS A 19 3.01 -3.73 -1.34
C CYS A 19 4.29 -2.99 -1.68
N VAL A 20 4.15 -1.75 -2.16
CA VAL A 20 5.30 -0.93 -2.51
C VAL A 20 5.15 0.50 -2.00
N TYR A 21 6.26 1.10 -1.60
CA TYR A 21 6.25 2.47 -1.09
C TYR A 21 5.56 3.40 -2.07
N ASP A 22 4.51 4.08 -1.58
CA ASP A 22 3.77 5.01 -2.41
C ASP A 22 4.61 6.23 -2.77
N ALA A 23 5.40 6.12 -3.83
CA ALA A 23 6.26 7.21 -4.27
C ALA A 23 5.43 8.38 -4.80
N TYR A 24 4.16 8.11 -5.10
CA TYR A 24 3.27 9.14 -5.60
C TYR A 24 2.62 9.92 -4.47
N GLY A 25 3.00 9.58 -3.24
CA GLY A 25 2.44 10.25 -2.08
C GLY A 25 1.75 9.29 -1.12
N CYS A 26 2.46 8.91 -0.07
CA CYS A 26 1.91 7.99 0.92
C CYS A 26 1.24 8.75 2.07
N GLY A 27 0.80 9.97 1.78
CA GLY A 27 0.15 10.78 2.79
C GLY A 27 1.08 11.84 3.36
N ALA A 28 2.29 11.91 2.84
CA ALA A 28 3.27 12.88 3.31
C ALA A 28 3.14 14.19 2.56
N VAL A 29 2.01 14.36 1.87
CA VAL A 29 1.76 15.58 1.10
C VAL A 29 0.45 16.23 1.53
N ILE A 1 -17.55 -10.78 7.99
CA ILE A 1 -16.99 -9.64 7.28
C ILE A 1 -15.63 -9.26 7.84
N SER A 2 -14.60 -9.35 7.01
CA SER A 2 -13.24 -9.01 7.43
C SER A 2 -12.36 -8.73 6.23
N ILE A 3 -11.43 -7.79 6.39
CA ILE A 3 -10.51 -7.42 5.33
C ILE A 3 -9.07 -7.37 5.82
N ASP A 4 -8.13 -7.68 4.93
CA ASP A 4 -6.72 -7.67 5.29
C ASP A 4 -6.23 -6.25 5.51
N PRO A 5 -5.14 -6.10 6.30
CA PRO A 5 -4.57 -4.80 6.62
C PRO A 5 -3.89 -4.16 5.40
N PRO A 6 -3.55 -2.86 5.54
CA PRO A 6 -2.90 -2.11 4.46
C PRO A 6 -1.47 -2.55 4.23
N CYS A 7 -0.84 -1.98 3.21
CA CYS A 7 0.54 -2.32 2.88
C CYS A 7 1.51 -1.71 3.88
N ARG A 8 2.81 -1.95 3.67
CA ARG A 8 3.83 -1.43 4.55
C ARG A 8 3.70 0.08 4.72
N PHE A 9 4.51 0.66 5.61
CA PHE A 9 4.46 2.09 5.86
C PHE A 9 4.70 2.87 4.57
N CYS A 10 3.68 3.62 4.15
CA CYS A 10 3.76 4.42 2.93
C CYS A 10 3.91 3.52 1.71
N TYR A 11 3.34 2.33 1.78
CA TYR A 11 3.41 1.38 0.68
C TYR A 11 2.02 1.09 0.12
N HIS A 12 1.97 0.36 -0.99
CA HIS A 12 0.71 0.01 -1.62
C HIS A 12 0.90 -1.10 -2.65
N ARG A 13 -0.14 -1.89 -2.87
CA ARG A 13 -0.09 -3.00 -3.81
C ARG A 13 -0.04 -2.47 -5.25
N ASP A 14 1.01 -2.84 -5.98
CA ASP A 14 1.16 -2.41 -7.36
C ASP A 14 0.41 -3.34 -8.31
N GLY A 15 0.50 -3.06 -9.60
CA GLY A 15 -0.17 -3.89 -10.59
C GLY A 15 0.24 -5.34 -10.51
N SER A 16 1.40 -5.60 -9.92
CA SER A 16 1.91 -6.96 -9.78
C SER A 16 1.33 -7.63 -8.54
N GLY A 17 0.95 -6.82 -7.55
CA GLY A 17 0.39 -7.36 -6.33
C GLY A 17 1.39 -7.38 -5.19
N ASN A 18 2.26 -6.36 -5.14
CA ASN A 18 3.27 -6.27 -4.10
C ASN A 18 3.33 -4.85 -3.53
N CYS A 19 3.42 -4.75 -2.21
CA CYS A 19 3.49 -3.47 -1.54
C CYS A 19 4.75 -2.72 -1.92
N VAL A 20 4.59 -1.49 -2.41
CA VAL A 20 5.72 -0.67 -2.82
C VAL A 20 5.56 0.76 -2.33
N TYR A 21 6.67 1.39 -1.97
CA TYR A 21 6.65 2.77 -1.49
C TYR A 21 5.93 3.68 -2.48
N ASP A 22 4.89 4.34 -1.99
CA ASP A 22 4.10 5.25 -2.83
C ASP A 22 4.94 6.48 -3.22
N ALA A 23 5.70 6.34 -4.30
CA ALA A 23 6.54 7.43 -4.79
C ALA A 23 5.69 8.58 -5.31
N TYR A 24 4.41 8.29 -5.59
CA TYR A 24 3.50 9.30 -6.11
C TYR A 24 2.86 10.10 -4.97
N GLY A 25 3.26 9.79 -3.75
CA GLY A 25 2.72 10.48 -2.59
C GLY A 25 2.06 9.53 -1.61
N CYS A 26 2.78 9.19 -0.55
CA CYS A 26 2.28 8.28 0.47
C CYS A 26 1.61 9.06 1.60
N GLY A 27 1.15 10.27 1.29
CA GLY A 27 0.50 11.09 2.29
C GLY A 27 -0.98 10.78 2.45
N ALA A 28 -1.44 9.78 1.69
CA ALA A 28 -2.84 9.38 1.75
C ALA A 28 -3.08 8.35 2.85
N VAL A 29 -2.10 8.23 3.75
CA VAL A 29 -2.20 7.28 4.85
C VAL A 29 -1.46 7.79 6.08
N ILE A 1 -17.16 -11.40 6.58
CA ILE A 1 -15.70 -11.39 6.53
C ILE A 1 -15.16 -9.97 6.54
N SER A 2 -14.16 -9.73 7.38
CA SER A 2 -13.56 -8.41 7.49
C SER A 2 -12.56 -8.17 6.37
N ILE A 3 -12.16 -6.91 6.19
CA ILE A 3 -11.21 -6.55 5.16
C ILE A 3 -9.77 -6.63 5.67
N ASP A 4 -8.84 -6.97 4.78
CA ASP A 4 -7.43 -7.07 5.14
C ASP A 4 -6.85 -5.68 5.43
N PRO A 5 -5.77 -5.67 6.23
CA PRO A 5 -5.09 -4.42 6.61
C PRO A 5 -4.36 -3.78 5.43
N PRO A 6 -3.93 -2.52 5.62
CA PRO A 6 -3.21 -1.77 4.58
C PRO A 6 -1.80 -2.33 4.34
N CYS A 7 -1.12 -1.76 3.35
CA CYS A 7 0.23 -2.19 3.02
C CYS A 7 1.24 -1.62 4.00
N ARG A 8 2.52 -1.95 3.80
CA ARG A 8 3.58 -1.47 4.66
C ARG A 8 3.54 0.05 4.79
N PHE A 9 4.39 0.59 5.66
CA PHE A 9 4.44 2.04 5.87
C PHE A 9 4.71 2.77 4.58
N CYS A 10 3.74 3.57 4.14
CA CYS A 10 3.87 4.34 2.90
C CYS A 10 3.95 3.41 1.70
N TYR A 11 3.31 2.25 1.81
CA TYR A 11 3.31 1.27 0.72
C TYR A 11 1.91 1.06 0.17
N HIS A 12 1.81 0.30 -0.92
CA HIS A 12 0.53 0.02 -1.54
C HIS A 12 0.65 -1.13 -2.54
N ARG A 13 -0.45 -1.85 -2.74
CA ARG A 13 -0.47 -2.98 -3.66
C ARG A 13 -0.41 -2.49 -5.11
N ASP A 14 0.62 -2.93 -5.84
CA ASP A 14 0.80 -2.55 -7.22
C ASP A 14 -0.01 -3.46 -8.14
N GLY A 15 0.10 -3.22 -9.45
CA GLY A 15 -0.62 -4.02 -10.41
C GLY A 15 -0.31 -5.49 -10.30
N SER A 16 0.84 -5.81 -9.69
CA SER A 16 1.26 -7.19 -9.53
C SER A 16 0.65 -7.80 -8.27
N GLY A 17 0.32 -6.94 -7.31
CA GLY A 17 -0.28 -7.41 -6.07
C GLY A 17 0.72 -7.47 -4.93
N ASN A 18 1.65 -6.52 -4.92
CA ASN A 18 2.67 -6.46 -3.87
C ASN A 18 2.82 -5.04 -3.34
N CYS A 19 2.92 -4.93 -2.02
CA CYS A 19 3.07 -3.62 -1.38
C CYS A 19 4.39 -2.96 -1.78
N VAL A 20 4.29 -1.75 -2.30
CA VAL A 20 5.48 -1.00 -2.73
C VAL A 20 5.41 0.44 -2.28
N TYR A 21 6.56 1.01 -1.93
CA TYR A 21 6.63 2.40 -1.49
C TYR A 21 5.96 3.33 -2.49
N ASP A 22 4.97 4.08 -2.02
CA ASP A 22 4.24 5.01 -2.88
C ASP A 22 5.15 6.17 -3.29
N ALA A 23 5.90 5.96 -4.38
CA ALA A 23 6.81 6.98 -4.88
C ALA A 23 6.03 8.17 -5.44
N TYR A 24 4.74 7.95 -5.71
CA TYR A 24 3.89 9.01 -6.26
C TYR A 24 3.31 9.87 -5.14
N GLY A 25 3.69 9.56 -3.91
CA GLY A 25 3.20 10.32 -2.76
C GLY A 25 2.48 9.44 -1.76
N CYS A 26 3.19 9.07 -0.69
CA CYS A 26 2.62 8.22 0.34
C CYS A 26 2.01 9.07 1.46
N GLY A 27 1.63 10.30 1.13
CA GLY A 27 1.04 11.18 2.11
C GLY A 27 -0.46 10.97 2.27
N ALA A 28 -0.99 10.00 1.53
CA ALA A 28 -2.41 9.69 1.59
C ALA A 28 -2.72 8.70 2.72
N VAL A 29 -1.76 8.53 3.62
CA VAL A 29 -1.92 7.62 4.74
C VAL A 29 -2.58 8.30 5.92
N ILE A 1 -17.76 -10.77 7.13
CA ILE A 1 -16.61 -11.08 6.29
C ILE A 1 -15.45 -10.11 6.56
N SER A 2 -14.41 -10.60 7.22
CA SER A 2 -13.24 -9.78 7.53
C SER A 2 -12.30 -9.69 6.33
N ILE A 3 -11.52 -8.62 6.29
CA ILE A 3 -10.56 -8.42 5.20
C ILE A 3 -9.13 -8.35 5.72
N ASP A 4 -8.17 -8.58 4.84
CA ASP A 4 -6.76 -8.54 5.21
C ASP A 4 -6.33 -7.12 5.56
N PRO A 5 -5.25 -7.00 6.34
CA PRO A 5 -4.71 -5.70 6.77
C PRO A 5 -4.08 -4.93 5.61
N PRO A 6 -3.80 -3.64 5.84
CA PRO A 6 -3.20 -2.77 4.82
C PRO A 6 -1.75 -3.14 4.54
N CYS A 7 -1.15 -2.46 3.57
CA CYS A 7 0.24 -2.71 3.20
C CYS A 7 1.20 -2.07 4.19
N ARG A 8 2.49 -2.23 3.95
CA ARG A 8 3.51 -1.67 4.83
C ARG A 8 3.29 -0.17 5.02
N PHE A 9 4.11 0.43 5.88
CA PHE A 9 4.01 1.86 6.15
C PHE A 9 4.15 2.68 4.87
N CYS A 10 3.08 3.39 4.51
CA CYS A 10 3.10 4.20 3.31
C CYS A 10 3.24 3.35 2.06
N TYR A 11 2.73 2.12 2.14
CA TYR A 11 2.79 1.19 1.01
C TYR A 11 1.40 0.86 0.49
N HIS A 12 1.36 0.13 -0.62
CA HIS A 12 0.08 -0.26 -1.22
C HIS A 12 0.28 -1.38 -2.24
N ARG A 13 -0.75 -2.19 -2.42
CA ARG A 13 -0.69 -3.30 -3.36
C ARG A 13 -0.67 -2.80 -4.80
N ASP A 14 0.41 -3.10 -5.51
CA ASP A 14 0.54 -2.67 -6.90
C ASP A 14 -0.13 -3.67 -7.85
N GLY A 15 0.00 -3.42 -9.15
CA GLY A 15 -0.58 -4.30 -10.13
C GLY A 15 0.00 -5.70 -10.08
N SER A 16 1.23 -5.81 -9.62
CA SER A 16 1.91 -7.10 -9.52
C SER A 16 1.37 -7.91 -8.35
N GLY A 17 0.79 -7.22 -7.38
CA GLY A 17 0.24 -7.90 -6.22
C GLY A 17 1.16 -7.82 -5.02
N ASN A 18 1.93 -6.75 -4.92
CA ASN A 18 2.86 -6.57 -3.81
C ASN A 18 2.79 -5.14 -3.26
N CYS A 19 3.18 -4.99 -2.00
CA CYS A 19 3.15 -3.68 -1.36
C CYS A 19 4.36 -2.85 -1.76
N VAL A 20 4.12 -1.60 -2.13
CA VAL A 20 5.20 -0.70 -2.54
C VAL A 20 4.94 0.72 -2.04
N TYR A 21 6.02 1.42 -1.70
CA TYR A 21 5.91 2.79 -1.21
C TYR A 21 5.10 3.66 -2.17
N ASP A 22 4.05 4.27 -1.66
CA ASP A 22 3.19 5.12 -2.47
C ASP A 22 3.93 6.40 -2.88
N ALA A 23 4.69 6.30 -3.96
CA ALA A 23 5.44 7.44 -4.47
C ALA A 23 4.52 8.54 -4.96
N TYR A 24 3.26 8.19 -5.19
CA TYR A 24 2.27 9.15 -5.67
C TYR A 24 1.64 9.91 -4.50
N GLY A 25 2.10 9.62 -3.29
CA GLY A 25 1.57 10.27 -2.12
C GLY A 25 0.99 9.29 -1.12
N CYS A 26 1.77 8.97 -0.09
CA CYS A 26 1.33 8.03 0.93
C CYS A 26 0.69 8.77 2.11
N GLY A 27 0.16 9.96 1.83
CA GLY A 27 -0.48 10.75 2.87
C GLY A 27 0.46 11.75 3.50
N ALA A 28 1.69 11.79 2.99
CA ALA A 28 2.70 12.71 3.51
C ALA A 28 3.79 12.98 2.48
N VAL A 29 3.50 13.85 1.51
CA VAL A 29 4.45 14.18 0.47
C VAL A 29 5.30 15.39 0.85
N ILE A 1 -15.51 -7.63 9.10
CA ILE A 1 -15.16 -8.27 7.84
C ILE A 1 -13.89 -9.09 7.97
N SER A 2 -13.80 -10.18 7.21
CA SER A 2 -12.63 -11.05 7.25
C SER A 2 -11.64 -10.67 6.15
N ILE A 3 -11.42 -9.37 5.99
CA ILE A 3 -10.49 -8.87 4.97
C ILE A 3 -9.09 -8.71 5.54
N ASP A 4 -8.09 -9.03 4.74
CA ASP A 4 -6.70 -8.92 5.15
C ASP A 4 -6.33 -7.46 5.42
N PRO A 5 -5.28 -7.25 6.22
CA PRO A 5 -4.80 -5.92 6.58
C PRO A 5 -4.16 -5.19 5.40
N PRO A 6 -3.92 -3.89 5.56
CA PRO A 6 -3.30 -3.06 4.50
C PRO A 6 -1.84 -3.40 4.29
N CYS A 7 -1.23 -2.76 3.30
CA CYS A 7 0.17 -3.00 2.98
C CYS A 7 1.08 -2.34 4.02
N ARG A 8 2.39 -2.48 3.83
CA ARG A 8 3.36 -1.91 4.75
C ARG A 8 3.12 -0.42 4.96
N PHE A 9 3.87 0.19 5.85
CA PHE A 9 3.74 1.62 6.13
C PHE A 9 3.93 2.44 4.86
N CYS A 10 2.87 3.15 4.46
CA CYS A 10 2.92 3.97 3.26
C CYS A 10 3.13 3.12 2.02
N TYR A 11 2.64 1.88 2.06
CA TYR A 11 2.78 0.97 0.94
C TYR A 11 1.41 0.61 0.35
N HIS A 12 1.42 -0.12 -0.77
CA HIS A 12 0.19 -0.51 -1.42
C HIS A 12 0.45 -1.63 -2.44
N ARG A 13 -0.56 -2.46 -2.66
CA ARG A 13 -0.44 -3.57 -3.61
C ARG A 13 -0.37 -3.05 -5.04
N ASP A 14 0.74 -3.35 -5.72
CA ASP A 14 0.92 -2.91 -7.11
C ASP A 14 0.29 -3.90 -8.07
N GLY A 15 0.52 -3.69 -9.36
CA GLY A 15 -0.04 -4.57 -10.37
C GLY A 15 0.53 -5.98 -10.31
N SER A 16 1.75 -6.09 -9.80
CA SER A 16 2.42 -7.39 -9.69
C SER A 16 1.84 -8.19 -8.53
N GLY A 17 1.25 -7.48 -7.57
CA GLY A 17 0.67 -8.15 -6.41
C GLY A 17 1.56 -8.06 -5.18
N ASN A 18 2.29 -6.96 -5.06
CA ASN A 18 3.19 -6.76 -3.93
C ASN A 18 3.05 -5.35 -3.37
N CYS A 19 3.39 -5.18 -2.09
CA CYS A 19 3.31 -3.88 -1.44
C CYS A 19 4.53 -3.03 -1.79
N VAL A 20 4.27 -1.78 -2.17
CA VAL A 20 5.35 -0.86 -2.53
C VAL A 20 5.05 0.55 -2.03
N TYR A 21 6.10 1.27 -1.64
CA TYR A 21 5.95 2.62 -1.13
C TYR A 21 5.18 3.49 -2.12
N ASP A 22 4.08 4.08 -1.66
CA ASP A 22 3.26 4.93 -2.50
C ASP A 22 3.99 6.22 -2.87
N ALA A 23 4.80 6.14 -3.92
CA ALA A 23 5.57 7.29 -4.38
C ALA A 23 4.64 8.39 -4.91
N TYR A 24 3.41 8.02 -5.20
CA TYR A 24 2.43 8.97 -5.71
C TYR A 24 1.72 9.70 -4.58
N GLY A 25 2.14 9.41 -3.35
CA GLY A 25 1.54 10.06 -2.19
C GLY A 25 0.94 9.06 -1.23
N CYS A 26 1.68 8.73 -0.17
CA CYS A 26 1.21 7.78 0.83
C CYS A 26 0.51 8.51 1.97
N GLY A 27 -0.02 9.70 1.69
CA GLY A 27 -0.71 10.47 2.70
C GLY A 27 0.24 11.31 3.54
N ALA A 28 1.53 11.25 3.20
CA ALA A 28 2.54 12.02 3.92
C ALA A 28 2.68 13.42 3.35
N VAL A 29 1.71 13.83 2.54
CA VAL A 29 1.73 15.15 1.92
C VAL A 29 0.37 15.82 2.04
N ILE A 1 -16.24 -11.98 5.37
CA ILE A 1 -16.50 -11.15 6.53
C ILE A 1 -15.21 -10.77 7.25
N SER A 2 -14.09 -10.92 6.54
CA SER A 2 -12.78 -10.59 7.09
C SER A 2 -11.82 -10.14 5.99
N ILE A 3 -11.54 -8.85 5.95
CA ILE A 3 -10.63 -8.30 4.95
C ILE A 3 -9.20 -8.25 5.47
N ASP A 4 -8.24 -8.40 4.56
CA ASP A 4 -6.83 -8.38 4.93
C ASP A 4 -6.38 -6.95 5.27
N PRO A 5 -5.31 -6.85 6.07
CA PRO A 5 -4.76 -5.55 6.49
C PRO A 5 -4.10 -4.80 5.34
N PRO A 6 -3.80 -3.52 5.56
CA PRO A 6 -3.17 -2.66 4.56
C PRO A 6 -1.72 -3.06 4.30
N CYS A 7 -1.09 -2.39 3.33
CA CYS A 7 0.30 -2.67 2.99
C CYS A 7 1.25 -2.07 4.02
N ARG A 8 2.55 -2.25 3.80
CA ARG A 8 3.56 -1.72 4.70
C ARG A 8 3.37 -0.22 4.90
N PHE A 9 4.20 0.36 5.78
CA PHE A 9 4.11 1.79 6.07
C PHE A 9 4.30 2.61 4.79
N CYS A 10 3.27 3.37 4.43
CA CYS A 10 3.33 4.20 3.24
C CYS A 10 3.45 3.35 1.98
N TYR A 11 2.89 2.14 2.04
CA TYR A 11 2.95 1.22 0.90
C TYR A 11 1.55 0.91 0.38
N HIS A 12 1.50 0.21 -0.74
CA HIS A 12 0.21 -0.16 -1.35
C HIS A 12 0.39 -1.26 -2.37
N ARG A 13 -0.65 -2.05 -2.57
CA ARG A 13 -0.61 -3.15 -3.53
C ARG A 13 -0.58 -2.62 -4.97
N ASP A 14 0.50 -2.94 -5.69
CA ASP A 14 0.65 -2.50 -7.06
C ASP A 14 -0.05 -3.46 -8.02
N GLY A 15 0.12 -3.22 -9.32
CA GLY A 15 -0.50 -4.07 -10.32
C GLY A 15 0.03 -5.48 -10.28
N SER A 16 1.26 -5.64 -9.83
CA SER A 16 1.90 -6.96 -9.75
C SER A 16 1.34 -7.76 -8.58
N GLY A 17 0.79 -7.04 -7.60
CA GLY A 17 0.23 -7.71 -6.44
C GLY A 17 1.16 -7.67 -5.24
N ASN A 18 1.95 -6.61 -5.13
CA ASN A 18 2.89 -6.46 -4.03
C ASN A 18 2.84 -5.05 -3.46
N CYS A 19 3.25 -4.91 -2.19
CA CYS A 19 3.25 -3.62 -1.53
C CYS A 19 4.49 -2.80 -1.92
N VAL A 20 4.27 -1.54 -2.26
CA VAL A 20 5.35 -0.66 -2.66
C VAL A 20 5.12 0.76 -2.14
N TYR A 21 6.21 1.44 -1.79
CA TYR A 21 6.14 2.80 -1.28
C TYR A 21 5.35 3.69 -2.23
N ASP A 22 4.28 4.30 -1.72
CA ASP A 22 3.45 5.19 -2.53
C ASP A 22 4.20 6.45 -2.91
N ALA A 23 4.97 6.38 -3.99
CA ALA A 23 5.75 7.52 -4.46
C ALA A 23 4.83 8.64 -4.94
N TYR A 24 3.57 8.31 -5.17
CA TYR A 24 2.59 9.29 -5.64
C TYR A 24 1.96 10.03 -4.47
N GLY A 25 2.41 9.71 -3.26
CA GLY A 25 1.89 10.35 -2.07
C GLY A 25 1.29 9.37 -1.09
N CYS A 26 2.08 9.01 -0.07
CA CYS A 26 1.63 8.06 0.94
C CYS A 26 1.01 8.79 2.13
N GLY A 27 0.49 9.98 1.88
CA GLY A 27 -0.13 10.77 2.94
C GLY A 27 0.82 11.77 3.55
N ALA A 28 2.05 11.80 3.03
CA ALA A 28 3.06 12.73 3.54
C ALA A 28 4.15 12.98 2.50
N VAL A 29 3.89 13.90 1.59
CA VAL A 29 4.86 14.24 0.54
C VAL A 29 5.81 15.33 0.99
N ILE A 1 -17.44 -11.30 7.98
CA ILE A 1 -16.37 -11.11 7.01
C ILE A 1 -15.21 -10.35 7.61
N SER A 2 -14.03 -10.55 7.04
CA SER A 2 -12.82 -9.87 7.52
C SER A 2 -11.78 -9.77 6.41
N ILE A 3 -11.49 -8.54 5.99
CA ILE A 3 -10.51 -8.31 4.93
C ILE A 3 -9.10 -8.25 5.50
N ASP A 4 -8.11 -8.52 4.65
CA ASP A 4 -6.72 -8.50 5.07
C ASP A 4 -6.26 -7.08 5.39
N PRO A 5 -5.21 -6.96 6.20
CA PRO A 5 -4.66 -5.67 6.60
C PRO A 5 -3.98 -4.93 5.45
N PRO A 6 -3.68 -3.64 5.66
CA PRO A 6 -3.03 -2.80 4.65
C PRO A 6 -1.58 -3.22 4.40
N CYS A 7 -0.93 -2.55 3.45
CA CYS A 7 0.46 -2.84 3.12
C CYS A 7 1.39 -2.24 4.16
N ARG A 8 2.69 -2.44 3.96
CA ARG A 8 3.70 -1.91 4.88
C ARG A 8 3.51 -0.41 5.09
N PHE A 9 4.32 0.16 5.97
CA PHE A 9 4.24 1.59 6.26
C PHE A 9 4.45 2.42 4.99
N CYS A 10 3.43 3.18 4.61
CA CYS A 10 3.50 4.01 3.41
C CYS A 10 3.64 3.15 2.17
N TYR A 11 3.10 1.94 2.21
CA TYR A 11 3.18 1.02 1.08
C TYR A 11 1.78 0.73 0.53
N HIS A 12 1.74 0.01 -0.60
CA HIS A 12 0.47 -0.34 -1.22
C HIS A 12 0.66 -1.45 -2.25
N ARG A 13 -0.37 -2.25 -2.47
CA ARG A 13 -0.31 -3.34 -3.43
C ARG A 13 -0.26 -2.81 -4.85
N ASP A 14 0.82 -3.14 -5.56
CA ASP A 14 1.00 -2.70 -6.95
C ASP A 14 0.30 -3.65 -7.91
N GLY A 15 0.48 -3.42 -9.20
CA GLY A 15 -0.13 -4.26 -10.21
C GLY A 15 0.39 -5.68 -10.18
N SER A 16 1.62 -5.84 -9.69
CA SER A 16 2.25 -7.16 -9.61
C SER A 16 1.67 -7.96 -8.45
N GLY A 17 1.14 -7.26 -7.46
CA GLY A 17 0.56 -7.92 -6.30
C GLY A 17 1.47 -7.89 -5.09
N ASN A 18 2.26 -6.82 -4.98
CA ASN A 18 3.18 -6.67 -3.86
C ASN A 18 3.12 -5.26 -3.29
N CYS A 19 3.51 -5.12 -2.03
CA CYS A 19 3.50 -3.82 -1.37
C CYS A 19 4.74 -3.01 -1.73
N VAL A 20 4.54 -1.73 -2.07
CA VAL A 20 5.64 -0.86 -2.44
C VAL A 20 5.41 0.56 -1.93
N TYR A 21 6.49 1.23 -1.55
CA TYR A 21 6.40 2.59 -1.05
C TYR A 21 5.64 3.49 -2.01
N ASP A 22 4.56 4.10 -1.53
CA ASP A 22 3.74 4.99 -2.35
C ASP A 22 4.51 6.25 -2.71
N ALA A 23 5.30 6.18 -3.78
CA ALA A 23 6.08 7.32 -4.23
C ALA A 23 5.18 8.44 -4.73
N TYR A 24 3.92 8.11 -4.99
CA TYR A 24 2.95 9.09 -5.48
C TYR A 24 2.31 9.84 -4.32
N GLY A 25 2.74 9.52 -3.11
CA GLY A 25 2.18 10.16 -1.92
C GLY A 25 1.58 9.17 -0.95
N CYS A 26 2.33 8.82 0.08
CA CYS A 26 1.86 7.87 1.09
C CYS A 26 1.21 8.60 2.26
N GLY A 27 0.70 9.80 1.99
CA GLY A 27 0.06 10.58 3.03
C GLY A 27 0.84 11.83 3.38
N ALA A 28 1.94 12.06 2.67
CA ALA A 28 2.77 13.24 2.90
C ALA A 28 2.27 14.42 2.09
N VAL A 29 1.06 14.32 1.58
CA VAL A 29 0.46 15.40 0.79
C VAL A 29 -0.63 16.11 1.57
N ILE A 1 -15.66 -12.05 5.90
CA ILE A 1 -16.36 -11.17 6.83
C ILE A 1 -15.39 -10.23 7.52
N SER A 2 -14.33 -9.84 6.81
CA SER A 2 -13.33 -8.95 7.36
C SER A 2 -12.30 -8.56 6.30
N ILE A 3 -12.09 -7.25 6.13
CA ILE A 3 -11.14 -6.75 5.15
C ILE A 3 -9.72 -6.73 5.72
N ASP A 4 -8.75 -7.08 4.89
CA ASP A 4 -7.35 -7.09 5.30
C ASP A 4 -6.81 -5.67 5.46
N PRO A 5 -5.75 -5.52 6.26
CA PRO A 5 -5.12 -4.23 6.51
C PRO A 5 -4.39 -3.69 5.29
N PRO A 6 -4.01 -2.40 5.34
CA PRO A 6 -3.31 -1.74 4.23
C PRO A 6 -1.88 -2.26 4.06
N CYS A 7 -1.19 -1.76 3.04
CA CYS A 7 0.18 -2.17 2.77
C CYS A 7 1.12 -1.62 3.82
N ARG A 8 2.41 -1.93 3.68
CA ARG A 8 3.43 -1.47 4.61
C ARG A 8 3.36 0.05 4.77
N PHE A 9 4.18 0.58 5.68
CA PHE A 9 4.21 2.02 5.93
C PHE A 9 4.53 2.78 4.66
N CYS A 10 3.58 3.60 4.21
CA CYS A 10 3.76 4.40 3.00
C CYS A 10 3.89 3.50 1.78
N TYR A 11 3.24 2.35 1.83
CA TYR A 11 3.29 1.39 0.73
C TYR A 11 1.91 1.21 0.11
N HIS A 12 1.85 0.46 -1.00
CA HIS A 12 0.59 0.21 -1.68
C HIS A 12 0.73 -0.95 -2.66
N ARG A 13 -0.37 -1.66 -2.90
CA ARG A 13 -0.37 -2.79 -3.83
C ARG A 13 -0.21 -2.32 -5.27
N ASP A 14 0.87 -2.76 -5.91
CA ASP A 14 1.14 -2.38 -7.29
C ASP A 14 0.40 -3.31 -8.26
N GLY A 15 0.66 -3.13 -9.55
CA GLY A 15 0.02 -3.96 -10.55
C GLY A 15 0.41 -5.42 -10.45
N SER A 16 1.60 -5.67 -9.92
CA SER A 16 2.10 -7.04 -9.76
C SER A 16 1.41 -7.75 -8.61
N GLY A 17 0.90 -6.95 -7.66
CA GLY A 17 0.21 -7.52 -6.52
C GLY A 17 1.08 -7.53 -5.27
N ASN A 18 1.95 -6.53 -5.15
CA ASN A 18 2.83 -6.43 -4.00
C ASN A 18 2.87 -4.99 -3.48
N CYS A 19 3.20 -4.85 -2.19
CA CYS A 19 3.28 -3.53 -1.57
C CYS A 19 4.61 -2.86 -1.88
N VAL A 20 4.53 -1.59 -2.28
CA VAL A 20 5.73 -0.82 -2.62
C VAL A 20 5.59 0.63 -2.16
N TYR A 21 6.71 1.22 -1.74
CA TYR A 21 6.73 2.59 -1.27
C TYR A 21 6.09 3.52 -2.30
N ASP A 22 5.07 4.26 -1.88
CA ASP A 22 4.37 5.19 -2.76
C ASP A 22 5.29 6.35 -3.13
N ALA A 23 6.11 6.16 -4.16
CA ALA A 23 7.02 7.20 -4.62
C ALA A 23 6.25 8.39 -5.20
N TYR A 24 4.99 8.17 -5.51
CA TYR A 24 4.15 9.23 -6.07
C TYR A 24 3.52 10.07 -4.97
N GLY A 25 3.87 9.76 -3.73
CA GLY A 25 3.32 10.49 -2.60
C GLY A 25 2.57 9.60 -1.63
N CYS A 26 3.23 9.21 -0.55
CA CYS A 26 2.62 8.35 0.46
C CYS A 26 1.99 9.18 1.57
N GLY A 27 1.63 10.42 1.24
CA GLY A 27 1.02 11.30 2.23
C GLY A 27 -0.48 11.13 2.30
N ALA A 28 -1.02 10.20 1.51
CA ALA A 28 -2.45 9.94 1.49
C ALA A 28 -2.84 8.93 2.57
N VAL A 29 -1.93 8.69 3.51
CA VAL A 29 -2.17 7.74 4.58
C VAL A 29 -2.46 8.46 5.89
N ILE A 1 -14.67 -8.14 10.40
CA ILE A 1 -14.40 -8.09 8.97
C ILE A 1 -13.50 -9.25 8.53
N SER A 2 -13.90 -9.93 7.45
CA SER A 2 -13.15 -11.06 6.94
C SER A 2 -12.21 -10.62 5.82
N ILE A 3 -11.71 -9.39 5.92
CA ILE A 3 -10.81 -8.85 4.92
C ILE A 3 -9.37 -8.77 5.45
N ASP A 4 -8.40 -8.93 4.56
CA ASP A 4 -7.00 -8.87 4.95
C ASP A 4 -6.59 -7.45 5.30
N PRO A 5 -5.53 -7.33 6.12
CA PRO A 5 -5.02 -6.02 6.56
C PRO A 5 -4.37 -5.24 5.43
N PRO A 6 -4.09 -3.95 5.68
CA PRO A 6 -3.46 -3.08 4.69
C PRO A 6 -2.00 -3.44 4.45
N CYS A 7 -1.38 -2.74 3.50
CA CYS A 7 0.03 -2.99 3.17
C CYS A 7 0.95 -2.36 4.22
N ARG A 8 2.26 -2.52 4.01
CA ARG A 8 3.25 -1.97 4.94
C ARG A 8 3.02 -0.48 5.17
N PHE A 9 3.80 0.11 6.07
CA PHE A 9 3.68 1.52 6.36
C PHE A 9 3.86 2.37 5.10
N CYS A 10 2.82 3.09 4.71
CA CYS A 10 2.87 3.93 3.54
C CYS A 10 3.05 3.09 2.27
N TYR A 11 2.54 1.88 2.30
CA TYR A 11 2.65 0.96 1.17
C TYR A 11 1.28 0.64 0.59
N HIS A 12 1.26 -0.07 -0.53
CA HIS A 12 0.02 -0.45 -1.18
C HIS A 12 0.25 -1.56 -2.21
N ARG A 13 -0.78 -2.36 -2.45
CA ARG A 13 -0.68 -3.46 -3.40
C ARG A 13 -0.60 -2.93 -4.83
N ASP A 14 0.54 -3.17 -5.48
CA ASP A 14 0.74 -2.72 -6.85
C ASP A 14 0.17 -3.73 -7.85
N GLY A 15 0.39 -3.47 -9.13
CA GLY A 15 -0.11 -4.36 -10.17
C GLY A 15 0.59 -5.70 -10.16
N SER A 16 1.83 -5.72 -9.66
CA SER A 16 2.62 -6.95 -9.60
C SER A 16 2.09 -7.88 -8.51
N GLY A 17 1.45 -7.30 -7.50
CA GLY A 17 0.92 -8.09 -6.41
C GLY A 17 1.80 -8.05 -5.17
N ASN A 18 2.44 -6.91 -4.95
CA ASN A 18 3.31 -6.75 -3.80
C ASN A 18 3.23 -5.32 -3.25
N CYS A 19 3.20 -5.20 -1.92
CA CYS A 19 3.13 -3.89 -1.28
C CYS A 19 4.35 -3.04 -1.63
N VAL A 20 4.11 -1.78 -1.97
CA VAL A 20 5.19 -0.87 -2.32
C VAL A 20 4.91 0.53 -1.81
N TYR A 21 5.96 1.24 -1.41
CA TYR A 21 5.84 2.60 -0.90
C TYR A 21 5.06 3.48 -1.88
N ASP A 22 3.98 4.08 -1.40
CA ASP A 22 3.16 4.95 -2.22
C ASP A 22 3.91 6.22 -2.59
N ALA A 23 4.71 6.15 -3.65
CA ALA A 23 5.48 7.30 -4.11
C ALA A 23 4.56 8.41 -4.62
N TYR A 24 3.32 8.06 -4.89
CA TYR A 24 2.34 9.03 -5.39
C TYR A 24 1.66 9.76 -4.23
N GLY A 25 2.10 9.45 -3.01
CA GLY A 25 1.52 10.10 -1.84
C GLY A 25 0.91 9.10 -0.88
N CYS A 26 1.65 8.75 0.17
CA CYS A 26 1.18 7.80 1.16
C CYS A 26 0.51 8.52 2.33
N GLY A 27 0.00 9.72 2.06
CA GLY A 27 -0.67 10.49 3.09
C GLY A 27 0.20 11.62 3.61
N ALA A 28 1.38 11.78 3.04
CA ALA A 28 2.30 12.82 3.45
C ALA A 28 3.32 13.13 2.35
N VAL A 29 2.91 13.94 1.38
CA VAL A 29 3.78 14.31 0.28
C VAL A 29 4.66 15.50 0.64
#